data_4HYN
#
_entry.id   4HYN
#
_cell.length_a   49.750
_cell.length_b   85.890
_cell.length_c   119.940
_cell.angle_alpha   90.00
_cell.angle_beta   90.00
_cell.angle_gamma   90.00
#
_symmetry.space_group_name_H-M   'P 21 21 21'
#
loop_
_entity.id
_entity.type
_entity.pdbx_description
1 polymer 'CheC, inhibitor of MCP methylation / FliN fusion protein'
2 water water
#
_entity_poly.entity_id   1
_entity_poly.type   'polypeptide(L)'
_entity_poly.pdbx_seq_one_letter_code
;A(MSE)VLTPEEKD(MSE)IGEIGNIA(MSE)GSAATTLS(MSE)ILGRDIHITVPTVREEK(MSE)KNVKSDFSGEQVV
VSVEYTEGLEGLNVLVLDKKLVAVIADL(MSE)(MSE)GGSGEVETEELDEIKLSAVGEA(MSE)NQ(MSE)(MSE)GSA
ATSLSELLGITINISPPKVEILNFDDPNTQFPPVTDNPEKDVAVVEFE(MSE)EIEGLPKSKFYQVISADLVKK(MSE)Y
EYFTKKQSEA
;
_entity_poly.pdbx_strand_id   A,B
#
# COMPACT_ATOMS: atom_id res chain seq x y z
N ALA A 1 19.80 24.40 31.27
CA ALA A 1 19.84 23.14 30.47
C ALA A 1 18.74 23.10 29.39
N VAL A 3 16.23 24.86 27.04
CA VAL A 3 16.02 26.16 26.39
C VAL A 3 14.59 26.47 25.96
N LEU A 4 13.75 25.46 25.78
CA LEU A 4 12.37 25.67 25.33
C LEU A 4 11.37 25.91 26.46
N THR A 5 10.66 27.05 26.40
CA THR A 5 9.65 27.39 27.41
C THR A 5 8.34 26.69 27.12
N PRO A 6 7.45 26.65 28.12
CA PRO A 6 6.16 26.00 27.89
C PRO A 6 5.39 26.66 26.75
N GLU A 7 5.55 27.97 26.59
CA GLU A 7 4.89 28.71 25.51
C GLU A 7 5.36 28.22 24.15
N GLU A 8 6.67 28.02 24.01
CA GLU A 8 7.24 27.54 22.75
C GLU A 8 6.76 26.12 22.44
N LYS A 9 6.65 25.29 23.48
CA LYS A 9 6.18 23.93 23.30
C LYS A 9 4.70 23.96 22.94
N ASP A 10 3.94 24.88 23.53
CA ASP A 10 2.51 25.00 23.21
C ASP A 10 2.31 25.44 21.76
N ILE A 12 4.34 24.73 19.29
CA ILE A 12 4.68 23.55 18.53
C ILE A 12 3.45 22.68 18.33
N GLY A 13 2.70 22.46 19.42
CA GLY A 13 1.51 21.65 19.36
C GLY A 13 0.42 22.28 18.51
N GLU A 14 0.22 23.58 18.69
CA GLU A 14 -0.80 24.31 17.97
C GLU A 14 -0.53 24.37 16.47
N ILE A 15 0.66 24.81 16.08
CA ILE A 15 0.99 24.89 14.66
C ILE A 15 1.08 23.46 14.08
N GLY A 16 1.47 22.50 14.91
CA GLY A 16 1.55 21.11 14.47
C GLY A 16 0.17 20.58 14.12
N ASN A 17 -0.85 20.95 14.89
CA ASN A 17 -2.20 20.51 14.60
C ASN A 17 -2.71 21.10 13.29
N ILE A 18 -2.32 22.33 13.00
CA ILE A 18 -2.74 23.00 11.79
C ILE A 18 -1.95 22.53 10.57
N ALA A 19 -0.64 22.60 10.66
CA ALA A 19 0.22 22.19 9.54
C ALA A 19 0.08 20.71 9.23
N GLY A 21 -2.12 18.82 10.20
CA GLY A 21 -3.53 18.57 9.98
C GLY A 21 -3.86 18.84 8.52
N SER A 22 -3.15 19.81 7.94
CA SER A 22 -3.33 20.16 6.54
C SER A 22 -2.76 19.02 5.69
N ALA A 23 -1.63 18.48 6.13
CA ALA A 23 -0.98 17.37 5.44
C ALA A 23 -1.90 16.15 5.43
N ALA A 24 -2.70 16.02 6.49
CA ALA A 24 -3.64 14.91 6.63
C ALA A 24 -4.83 15.04 5.69
N THR A 25 -5.26 16.28 5.49
CA THR A 25 -6.39 16.59 4.62
C THR A 25 -6.10 16.31 3.14
N THR A 26 -4.90 16.64 2.69
CA THR A 26 -4.54 16.38 1.28
C THR A 26 -4.35 14.88 1.10
N LEU A 27 -3.81 14.24 2.14
CA LEU A 27 -3.58 12.81 2.17
C LEU A 27 -4.92 12.11 2.10
N SER A 28 -5.89 12.69 2.81
CA SER A 28 -7.24 12.18 2.87
C SER A 28 -7.92 12.34 1.52
N ILE A 30 -6.36 12.34 -1.42
CA ILE A 30 -5.72 11.40 -2.32
C ILE A 30 -6.37 10.03 -2.12
N LEU A 31 -6.53 9.66 -0.85
CA LEU A 31 -7.16 8.40 -0.47
C LEU A 31 -8.66 8.69 -0.30
N GLY A 32 -9.48 7.68 -0.10
CA GLY A 32 -10.90 7.99 0.05
C GLY A 32 -11.36 7.87 1.48
N ARG A 33 -10.41 8.01 2.40
CA ARG A 33 -10.67 7.86 3.83
C ARG A 33 -10.42 9.12 4.64
N ASP A 34 -11.17 9.25 5.73
CA ASP A 34 -11.02 10.37 6.64
C ASP A 34 -9.77 10.16 7.46
N ILE A 35 -8.97 11.22 7.62
CA ILE A 35 -7.75 11.11 8.38
C ILE A 35 -7.61 12.27 9.34
N HIS A 36 -7.41 11.95 10.62
CA HIS A 36 -7.27 12.96 11.64
C HIS A 36 -5.92 12.84 12.32
N ILE A 37 -5.37 13.98 12.72
CA ILE A 37 -4.09 14.00 13.40
C ILE A 37 -4.11 14.86 14.67
N THR A 38 -3.43 14.37 15.69
CA THR A 38 -3.34 15.03 16.99
C THR A 38 -1.88 15.06 17.43
N VAL A 39 -1.53 15.97 18.33
CA VAL A 39 -0.17 16.09 18.84
C VAL A 39 -0.16 15.94 20.37
N PRO A 40 -0.16 14.70 20.87
CA PRO A 40 -0.17 14.44 22.32
C PRO A 40 1.11 14.84 23.07
N THR A 41 2.25 14.76 22.40
CA THR A 41 3.50 15.05 23.07
C THR A 41 4.47 15.99 22.35
N VAL A 42 5.21 16.76 23.15
CA VAL A 42 6.26 17.68 22.69
C VAL A 42 7.34 17.57 23.77
N ARG A 43 8.46 17.00 23.38
CA ARG A 43 9.57 16.77 24.30
C ARG A 43 10.88 17.45 23.90
N GLU A 44 11.53 18.09 24.86
CA GLU A 44 12.82 18.72 24.58
C GLU A 44 13.88 17.67 24.87
N GLU A 45 14.87 17.58 24.00
CA GLU A 45 15.89 16.56 24.14
C GLU A 45 17.26 17.04 23.64
N LYS A 46 18.32 16.61 24.32
CA LYS A 46 19.66 16.93 23.87
C LYS A 46 19.86 16.10 22.60
N LYS A 48 22.38 14.45 21.49
CA LYS A 48 23.08 13.19 21.73
C LYS A 48 22.17 12.06 22.20
N ASN A 49 20.99 12.39 22.71
CA ASN A 49 20.08 11.37 23.20
C ASN A 49 18.94 10.99 22.25
N VAL A 50 18.81 11.71 21.13
CA VAL A 50 17.71 11.42 20.20
C VAL A 50 17.68 9.99 19.66
N LYS A 51 18.81 9.50 19.17
CA LYS A 51 18.88 8.14 18.63
C LYS A 51 18.37 7.08 19.61
N SER A 52 18.70 7.23 20.90
CA SER A 52 18.29 6.26 21.90
C SER A 52 16.77 6.25 22.15
N ASP A 53 16.05 7.23 21.60
CA ASP A 53 14.60 7.31 21.76
C ASP A 53 13.88 6.34 20.84
N PHE A 54 14.54 5.96 19.75
CA PHE A 54 13.96 5.05 18.77
C PHE A 54 14.73 3.73 18.73
N SER A 55 14.05 2.65 18.37
CA SER A 55 14.68 1.34 18.28
C SER A 55 14.23 0.65 16.99
N GLY A 56 14.94 -0.40 16.61
CA GLY A 56 14.59 -1.12 15.40
C GLY A 56 14.92 -0.37 14.12
N GLU A 57 14.64 -1.01 12.99
CA GLU A 57 14.91 -0.43 11.68
C GLU A 57 13.69 0.43 11.31
N GLN A 58 13.92 1.73 11.10
CA GLN A 58 12.83 2.63 10.75
C GLN A 58 13.12 3.52 9.55
N VAL A 59 12.09 4.25 9.11
CA VAL A 59 12.22 5.14 7.96
C VAL A 59 12.25 6.59 8.41
N VAL A 60 13.28 7.32 7.98
CA VAL A 60 13.40 8.72 8.32
C VAL A 60 13.26 9.55 7.06
N VAL A 61 12.30 10.47 7.08
CA VAL A 61 12.04 11.34 5.95
C VAL A 61 12.43 12.74 6.39
N SER A 62 13.41 13.32 5.69
CA SER A 62 13.86 14.65 6.05
C SER A 62 13.70 15.66 4.93
N VAL A 63 13.50 16.90 5.33
CA VAL A 63 13.31 17.99 4.41
C VAL A 63 14.14 19.19 4.92
N GLU A 64 14.76 19.90 3.99
CA GLU A 64 15.59 21.05 4.34
C GLU A 64 14.80 22.34 4.14
N TYR A 65 14.76 23.17 5.17
CA TYR A 65 14.07 24.46 5.11
C TYR A 65 14.96 25.57 4.56
N THR A 66 14.40 26.38 3.67
CA THR A 66 15.13 27.49 3.07
C THR A 66 14.31 28.79 3.06
N GLU A 67 15.01 29.92 3.19
CA GLU A 67 14.44 31.27 3.22
C GLU A 67 13.18 31.41 4.06
N GLY A 68 13.32 32.03 5.23
CA GLY A 68 12.19 32.18 6.13
C GLY A 68 12.59 31.36 7.34
N LEU A 69 12.91 30.10 7.07
CA LEU A 69 13.37 29.16 8.09
C LEU A 69 14.53 28.40 7.49
N GLU A 70 15.51 28.05 8.31
CA GLU A 70 16.68 27.30 7.86
C GLU A 70 16.95 26.18 8.84
N GLY A 71 16.96 24.96 8.33
CA GLY A 71 17.23 23.84 9.20
C GLY A 71 16.68 22.54 8.66
N LEU A 72 17.02 21.47 9.37
CA LEU A 72 16.59 20.13 9.00
C LEU A 72 15.32 19.75 9.75
N ASN A 73 14.38 19.17 9.03
CA ASN A 73 13.10 18.74 9.58
C ASN A 73 13.03 17.24 9.29
N VAL A 74 13.00 16.45 10.35
CA VAL A 74 13.00 15.00 10.23
C VAL A 74 11.74 14.31 10.74
N LEU A 75 11.25 13.37 9.94
CA LEU A 75 10.07 12.57 10.30
C LEU A 75 10.54 11.12 10.48
N VAL A 76 10.14 10.50 11.58
CA VAL A 76 10.53 9.13 11.88
C VAL A 76 9.29 8.24 11.91
N LEU A 77 9.23 7.33 10.94
CA LEU A 77 8.11 6.41 10.81
C LEU A 77 8.59 4.96 10.91
N ASP A 78 7.83 4.13 11.63
CA ASP A 78 8.20 2.73 11.78
C ASP A 78 7.75 1.88 10.60
N LYS A 79 8.49 0.80 10.36
CA LYS A 79 8.20 -0.12 9.26
C LYS A 79 6.74 -0.45 9.06
N LYS A 80 6.01 -0.68 10.14
CA LYS A 80 4.60 -1.01 10.05
C LYS A 80 3.75 0.12 9.50
N LEU A 81 4.02 1.35 9.93
CA LEU A 81 3.27 2.50 9.45
C LEU A 81 3.59 2.73 7.97
N VAL A 82 4.86 2.62 7.62
CA VAL A 82 5.31 2.80 6.26
C VAL A 82 4.61 1.82 5.33
N ALA A 83 4.48 0.57 5.78
CA ALA A 83 3.84 -0.48 5.00
C ALA A 83 2.34 -0.23 4.82
N VAL A 84 1.70 0.30 5.86
CA VAL A 84 0.27 0.61 5.81
C VAL A 84 0.01 1.72 4.81
N ILE A 85 0.85 2.75 4.85
CA ILE A 85 0.70 3.88 3.95
C ILE A 85 1.00 3.51 2.50
N ALA A 86 2.04 2.71 2.30
CA ALA A 86 2.42 2.27 0.97
C ALA A 86 1.28 1.49 0.32
N ASP A 87 0.74 0.52 1.07
CA ASP A 87 -0.35 -0.32 0.61
C ASP A 87 -1.55 0.56 0.24
N LEU A 88 -1.81 1.58 1.05
CA LEU A 88 -2.91 2.51 0.80
C LEU A 88 -2.69 3.28 -0.51
N GLY A 91 -3.41 1.30 -3.65
CA GLY A 91 -4.77 0.83 -3.88
C GLY A 91 -5.39 -0.05 -2.80
N GLY A 92 -4.56 -0.64 -1.95
CA GLY A 92 -5.05 -1.53 -0.90
C GLY A 92 -5.90 -0.94 0.20
N SER A 93 -6.26 -1.80 1.16
CA SER A 93 -7.09 -1.41 2.30
C SER A 93 -6.25 -0.86 3.46
N GLY A 94 -4.95 -1.12 3.41
CA GLY A 94 -4.04 -0.66 4.45
C GLY A 94 -3.89 -1.61 5.62
N GLU A 95 -4.70 -2.68 5.63
CA GLU A 95 -4.62 -3.64 6.72
C GLU A 95 -3.76 -4.85 6.39
N VAL A 96 -2.46 -4.61 6.27
CA VAL A 96 -1.50 -5.66 5.96
C VAL A 96 -0.81 -6.11 7.25
N GLU A 97 -0.05 -7.20 7.16
CA GLU A 97 0.69 -7.73 8.30
C GLU A 97 2.11 -8.10 7.89
N THR A 98 2.96 -7.08 7.78
CA THR A 98 4.34 -7.26 7.39
C THR A 98 5.14 -5.97 7.62
N GLU A 99 6.46 -6.10 7.65
CA GLU A 99 7.34 -4.95 7.81
C GLU A 99 8.20 -4.86 6.57
N GLU A 100 7.98 -5.81 5.65
CA GLU A 100 8.72 -5.89 4.40
C GLU A 100 8.48 -4.65 3.55
N LEU A 101 9.56 -4.05 3.09
CA LEU A 101 9.48 -2.88 2.25
C LEU A 101 10.53 -2.92 1.16
N ASP A 102 10.18 -2.36 0.01
CA ASP A 102 11.08 -2.34 -1.13
C ASP A 102 11.10 -0.96 -1.76
N GLU A 103 11.86 -0.82 -2.84
CA GLU A 103 11.98 0.46 -3.54
C GLU A 103 10.64 0.97 -4.06
N ILE A 104 9.75 0.06 -4.43
CA ILE A 104 8.43 0.42 -4.94
C ILE A 104 7.52 0.98 -3.84
N LYS A 105 7.55 0.35 -2.67
CA LYS A 105 6.76 0.78 -1.53
C LYS A 105 7.32 2.12 -1.06
N LEU A 106 8.66 2.17 -0.96
CA LEU A 106 9.35 3.37 -0.51
C LEU A 106 9.10 4.52 -1.48
N SER A 107 8.86 4.17 -2.74
CA SER A 107 8.57 5.17 -3.75
C SER A 107 7.17 5.73 -3.56
N ALA A 108 6.24 4.89 -3.09
CA ALA A 108 4.87 5.30 -2.86
C ALA A 108 4.73 6.14 -1.59
N VAL A 109 5.54 5.85 -0.58
CA VAL A 109 5.49 6.62 0.66
C VAL A 109 6.16 7.97 0.43
N GLY A 110 7.14 7.98 -0.47
CA GLY A 110 7.85 9.22 -0.79
C GLY A 110 6.92 10.21 -1.48
N GLU A 111 5.98 9.71 -2.28
CA GLU A 111 5.02 10.56 -2.95
C GLU A 111 4.04 11.10 -1.92
N ALA A 112 3.59 10.23 -1.02
CA ALA A 112 2.67 10.66 0.03
C ALA A 112 3.36 11.72 0.89
N ASN A 114 5.75 13.66 -0.05
CA ASN A 114 5.90 14.81 -0.93
C ASN A 114 4.69 15.74 -0.79
N GLN A 115 3.50 15.16 -0.95
CA GLN A 115 2.25 15.91 -0.87
C GLN A 115 1.96 16.44 0.53
N GLY A 118 4.53 19.19 1.83
CA GLY A 118 4.36 20.34 0.96
C GLY A 118 3.22 21.17 1.51
N SER A 119 2.18 20.50 1.98
CA SER A 119 1.02 21.16 2.56
C SER A 119 1.39 21.76 3.92
N ALA A 120 2.15 21.00 4.70
CA ALA A 120 2.59 21.44 6.02
C ALA A 120 3.38 22.74 5.93
N ALA A 121 4.32 22.79 4.99
CA ALA A 121 5.13 23.98 4.78
C ALA A 121 4.26 25.14 4.30
N THR A 122 3.31 24.84 3.41
CA THR A 122 2.41 25.86 2.88
C THR A 122 1.53 26.41 4.01
N SER A 123 1.03 25.52 4.86
CA SER A 123 0.19 25.91 5.98
C SER A 123 1.01 26.72 6.96
N LEU A 124 2.23 26.28 7.20
CA LEU A 124 3.13 26.98 8.12
C LEU A 124 3.46 28.37 7.60
N SER A 125 3.72 28.48 6.30
CA SER A 125 4.05 29.77 5.70
C SER A 125 2.92 30.78 5.85
N GLU A 126 1.69 30.35 5.58
CA GLU A 126 0.54 31.21 5.71
C GLU A 126 0.35 31.58 7.18
N LEU A 127 0.55 30.59 8.06
CA LEU A 127 0.39 30.77 9.49
C LEU A 127 1.35 31.80 10.07
N LEU A 128 2.64 31.68 9.73
CA LEU A 128 3.66 32.59 10.24
C LEU A 128 3.84 33.88 9.46
N GLY A 129 3.19 33.99 8.30
CA GLY A 129 3.30 35.18 7.48
C GLY A 129 4.66 35.33 6.81
N ILE A 130 5.21 34.20 6.38
CA ILE A 130 6.51 34.22 5.74
C ILE A 130 6.61 33.03 4.80
N THR A 131 7.30 33.21 3.67
CA THR A 131 7.46 32.15 2.70
C THR A 131 8.57 31.18 3.11
N ILE A 132 8.21 29.91 3.22
CA ILE A 132 9.16 28.88 3.60
C ILE A 132 9.25 27.85 2.47
N ASN A 133 10.45 27.61 1.99
CA ASN A 133 10.65 26.63 0.93
C ASN A 133 11.25 25.33 1.45
N ILE A 134 10.90 24.22 0.82
CA ILE A 134 11.43 22.92 1.23
C ILE A 134 12.04 22.16 0.07
N SER A 135 13.12 21.43 0.37
CA SER A 135 13.79 20.60 -0.61
C SER A 135 12.93 19.34 -0.78
N PRO A 136 13.09 18.60 -1.88
CA PRO A 136 12.26 17.40 -2.01
C PRO A 136 12.62 16.41 -0.88
N PRO A 137 11.61 15.84 -0.22
CA PRO A 137 11.82 14.90 0.89
C PRO A 137 12.66 13.66 0.56
N LYS A 138 13.75 13.51 1.31
CA LYS A 138 14.67 12.37 1.14
C LYS A 138 14.25 11.25 2.08
N VAL A 139 13.87 10.11 1.52
CA VAL A 139 13.46 8.96 2.31
C VAL A 139 14.57 7.93 2.42
N GLU A 140 14.86 7.51 3.64
CA GLU A 140 15.88 6.52 3.84
C GLU A 140 15.57 5.67 5.06
N ILE A 141 16.08 4.45 5.04
CA ILE A 141 15.88 3.52 6.13
C ILE A 141 17.11 3.57 7.03
N LEU A 142 16.86 3.77 8.33
CA LEU A 142 17.93 3.86 9.31
C LEU A 142 17.73 2.78 10.39
N ASN A 143 18.78 1.99 10.61
CA ASN A 143 18.73 0.92 11.62
C ASN A 143 19.20 1.45 12.98
N PHE A 144 18.25 1.84 13.82
CA PHE A 144 18.55 2.37 15.16
C PHE A 144 19.22 1.35 16.09
N ASP A 145 19.16 0.07 15.72
CA ASP A 145 19.79 -0.97 16.52
C ASP A 145 21.26 -1.18 16.12
N ASP A 146 21.69 -0.49 15.06
CA ASP A 146 23.08 -0.55 14.60
C ASP A 146 23.80 0.57 15.36
N PRO A 147 24.76 0.22 16.22
CA PRO A 147 25.51 1.21 17.00
C PRO A 147 26.29 2.25 16.19
N ASN A 148 26.55 1.95 14.93
CA ASN A 148 27.32 2.86 14.08
C ASN A 148 26.49 3.94 13.40
N THR A 149 25.18 3.75 13.32
CA THR A 149 24.33 4.73 12.68
C THR A 149 24.12 5.97 13.53
N GLN A 150 23.93 7.10 12.87
CA GLN A 150 23.71 8.35 13.57
C GLN A 150 22.42 9.01 13.10
N PHE A 151 21.67 9.59 14.03
CA PHE A 151 20.45 10.29 13.67
C PHE A 151 20.85 11.51 12.81
N PRO A 152 20.04 11.86 11.78
CA PRO A 152 20.36 13.02 10.93
C PRO A 152 20.71 14.26 11.78
N PRO A 153 21.69 15.06 11.33
CA PRO A 153 22.12 16.25 12.07
C PRO A 153 21.12 17.43 12.16
N VAL A 154 20.07 17.24 12.93
CA VAL A 154 19.07 18.28 13.15
C VAL A 154 19.79 19.47 13.82
N THR A 155 20.78 19.13 14.62
CA THR A 155 21.63 20.08 15.33
C THR A 155 23.06 19.66 14.96
N ASP A 156 24.02 20.56 15.13
CA ASP A 156 25.42 20.26 14.80
C ASP A 156 26.31 19.97 16.03
N ASN A 157 25.72 19.86 17.21
CA ASN A 157 26.48 19.59 18.44
C ASN A 157 25.63 18.73 19.37
N PRO A 158 26.22 17.65 19.91
CA PRO A 158 25.49 16.76 20.82
C PRO A 158 24.88 17.42 22.06
N GLU A 159 25.34 18.60 22.43
CA GLU A 159 24.78 19.27 23.59
C GLU A 159 23.69 20.30 23.25
N LYS A 160 23.46 20.54 21.96
CA LYS A 160 22.41 21.48 21.59
C LYS A 160 21.07 20.76 21.57
N ASP A 161 20.02 21.46 21.99
CA ASP A 161 18.70 20.86 22.07
C ASP A 161 17.87 20.75 20.81
N VAL A 162 16.88 19.86 20.92
CA VAL A 162 15.98 19.54 19.85
C VAL A 162 14.59 19.30 20.45
N ALA A 163 13.57 19.33 19.59
CA ALA A 163 12.21 19.07 20.01
C ALA A 163 11.72 17.84 19.28
N VAL A 164 11.22 16.87 20.05
CA VAL A 164 10.70 15.63 19.49
C VAL A 164 9.19 15.73 19.64
N VAL A 165 8.52 15.87 18.51
CA VAL A 165 7.07 16.00 18.47
C VAL A 165 6.36 14.70 18.09
N GLU A 166 5.38 14.31 18.90
CA GLU A 166 4.61 13.09 18.64
C GLU A 166 3.29 13.40 17.95
N PHE A 167 3.02 12.69 16.86
CA PHE A 167 1.76 12.85 16.13
C PHE A 167 0.95 11.57 16.18
N GLU A 168 -0.32 11.67 16.54
CA GLU A 168 -1.18 10.50 16.56
C GLU A 168 -2.05 10.56 15.30
N GLU A 170 -5.11 8.85 12.93
CA GLU A 170 -6.28 7.98 12.87
C GLU A 170 -6.78 7.94 11.43
N ILE A 171 -6.67 6.78 10.80
CA ILE A 171 -7.15 6.60 9.44
C ILE A 171 -8.40 5.74 9.54
N GLU A 172 -9.46 6.16 8.85
CA GLU A 172 -10.74 5.45 8.86
C GLU A 172 -10.63 3.96 8.60
N GLY A 173 -11.19 3.18 9.53
CA GLY A 173 -11.20 1.74 9.41
C GLY A 173 -9.92 1.01 9.78
N LEU A 174 -8.92 1.75 10.26
CA LEU A 174 -7.65 1.17 10.65
C LEU A 174 -7.30 1.59 12.07
N PRO A 175 -6.44 0.82 12.75
CA PRO A 175 -6.04 1.15 14.12
C PRO A 175 -5.13 2.39 14.19
N LYS A 176 -5.20 3.12 15.31
CA LYS A 176 -4.38 4.32 15.54
C LYS A 176 -2.92 3.99 15.29
N SER A 177 -2.18 4.98 14.83
CA SER A 177 -0.75 4.83 14.59
C SER A 177 -0.09 6.15 14.98
N LYS A 178 1.23 6.14 15.08
CA LYS A 178 1.95 7.35 15.44
C LYS A 178 3.32 7.44 14.80
N PHE A 179 3.80 8.67 14.66
CA PHE A 179 5.12 8.93 14.11
C PHE A 179 5.70 10.15 14.81
N TYR A 180 6.98 10.41 14.59
CA TYR A 180 7.64 11.52 15.24
C TYR A 180 8.36 12.48 14.32
N GLN A 181 8.45 13.71 14.80
CA GLN A 181 9.13 14.77 14.09
C GLN A 181 10.16 15.34 15.06
N VAL A 182 11.35 15.65 14.53
CA VAL A 182 12.37 16.24 15.35
C VAL A 182 12.99 17.44 14.61
N ILE A 183 12.88 18.60 15.26
CA ILE A 183 13.41 19.86 14.74
C ILE A 183 14.29 20.46 15.81
N SER A 184 15.25 21.28 15.40
CA SER A 184 16.14 21.92 16.38
C SER A 184 15.43 22.95 17.24
N ALA A 185 15.92 23.15 18.45
CA ALA A 185 15.33 24.14 19.34
C ALA A 185 15.62 25.52 18.72
N ASP A 186 16.67 25.59 17.91
CA ASP A 186 17.05 26.82 17.22
C ASP A 186 15.92 27.25 16.29
N LEU A 187 15.41 26.29 15.53
CA LEU A 187 14.32 26.52 14.60
C LEU A 187 13.02 26.90 15.34
N VAL A 188 12.77 26.24 16.47
CA VAL A 188 11.59 26.50 17.29
C VAL A 188 11.57 27.95 17.79
N LYS A 189 12.73 28.41 18.28
CA LYS A 189 12.88 29.78 18.78
C LYS A 189 12.63 30.77 17.63
N LYS A 190 13.09 30.40 16.44
CA LYS A 190 12.92 31.23 15.25
C LYS A 190 11.44 31.31 14.89
N TYR A 192 9.04 30.95 16.92
CA TYR A 192 8.40 31.69 18.00
C TYR A 192 8.50 33.20 17.79
N GLU A 193 9.58 33.67 17.19
CA GLU A 193 9.75 35.10 16.93
C GLU A 193 8.68 35.56 15.94
N TYR A 194 8.44 34.74 14.91
CA TYR A 194 7.44 35.05 13.91
C TYR A 194 6.04 34.93 14.50
N PHE A 195 5.86 33.92 15.33
CA PHE A 195 4.60 33.61 15.99
C PHE A 195 4.16 34.67 16.99
N THR A 196 5.07 35.12 17.85
CA THR A 196 4.69 36.12 18.85
C THR A 196 4.41 37.48 18.28
N LYS A 197 5.08 37.81 17.17
CA LYS A 197 4.87 39.09 16.52
C LYS A 197 3.41 39.27 16.09
N LYS A 198 2.78 38.21 15.58
CA LYS A 198 1.39 38.35 15.18
C LYS A 198 0.35 37.98 16.24
N GLN A 199 0.80 37.51 17.41
CA GLN A 199 -0.11 37.22 18.51
C GLN A 199 -0.34 38.58 19.19
N SER A 200 0.63 39.48 18.99
CA SER A 200 0.60 40.83 19.54
C SER A 200 -0.28 41.72 18.67
N GLU A 201 -0.34 41.41 17.38
CA GLU A 201 -1.18 42.15 16.44
C GLU A 201 -2.62 41.64 16.62
N ALA A 202 -3.22 41.98 17.76
CA ALA A 202 -4.59 41.56 18.08
C ALA A 202 -5.66 42.18 17.17
N VAL B 3 3.04 -24.12 4.49
CA VAL B 3 4.29 -24.25 3.75
C VAL B 3 4.82 -22.86 3.37
N LEU B 4 3.93 -21.89 3.21
CA LEU B 4 4.39 -20.56 2.85
C LEU B 4 4.36 -19.52 3.99
N THR B 5 5.37 -18.65 3.95
CA THR B 5 5.57 -17.60 4.94
C THR B 5 4.72 -16.35 4.73
N PRO B 6 4.63 -15.50 5.76
CA PRO B 6 3.84 -14.25 5.68
C PRO B 6 4.49 -13.27 4.69
N GLU B 7 5.80 -13.38 4.53
CA GLU B 7 6.57 -12.54 3.61
C GLU B 7 6.12 -12.76 2.16
N GLU B 8 6.01 -14.02 1.76
CA GLU B 8 5.57 -14.33 0.40
C GLU B 8 4.06 -14.18 0.24
N LYS B 9 3.35 -14.21 1.37
CA LYS B 9 1.90 -14.03 1.38
C LYS B 9 1.64 -12.53 1.15
N ASP B 10 2.61 -11.72 1.59
CA ASP B 10 2.56 -10.28 1.43
C ASP B 10 2.93 -9.90 0.01
N ILE B 12 2.25 -11.61 -2.67
CA ILE B 12 1.05 -11.85 -3.46
C ILE B 12 0.19 -10.60 -3.46
N GLY B 13 -0.04 -10.06 -2.26
CA GLY B 13 -0.83 -8.85 -2.12
C GLY B 13 -0.24 -7.67 -2.85
N GLU B 14 1.08 -7.50 -2.78
CA GLU B 14 1.75 -6.40 -3.47
C GLU B 14 1.65 -6.54 -4.99
N ILE B 15 2.11 -7.68 -5.52
CA ILE B 15 2.05 -7.91 -6.95
C ILE B 15 0.59 -7.87 -7.43
N GLY B 16 -0.34 -8.21 -6.55
CA GLY B 16 -1.75 -8.17 -6.87
C GLY B 16 -2.16 -6.73 -7.11
N ASN B 17 -1.75 -5.83 -6.22
CA ASN B 17 -2.06 -4.40 -6.37
C ASN B 17 -1.51 -3.88 -7.70
N ILE B 18 -0.26 -4.23 -8.00
CA ILE B 18 0.39 -3.77 -9.22
C ILE B 18 -0.04 -4.47 -10.52
N ALA B 19 0.12 -5.80 -10.57
CA ALA B 19 -0.24 -6.60 -11.75
C ALA B 19 -1.75 -6.62 -12.01
N GLY B 21 -3.66 -4.46 -10.94
CA GLY B 21 -4.00 -3.05 -11.10
C GLY B 21 -3.89 -2.67 -12.56
N SER B 22 -2.93 -3.29 -13.25
CA SER B 22 -2.72 -3.07 -14.67
C SER B 22 -3.82 -3.79 -15.44
N ALA B 23 -4.22 -4.95 -14.93
CA ALA B 23 -5.27 -5.75 -15.53
C ALA B 23 -6.59 -4.97 -15.47
N ALA B 24 -6.83 -4.31 -14.34
CA ALA B 24 -8.04 -3.51 -14.16
C ALA B 24 -8.05 -2.37 -15.17
N THR B 25 -6.89 -1.76 -15.42
CA THR B 25 -6.75 -0.66 -16.36
C THR B 25 -7.14 -1.13 -17.77
N THR B 26 -6.75 -2.35 -18.11
CA THR B 26 -7.07 -2.94 -19.40
C THR B 26 -8.56 -3.28 -19.45
N LEU B 27 -9.10 -3.82 -18.36
CA LEU B 27 -10.51 -4.17 -18.28
C LEU B 27 -11.35 -2.91 -18.40
N SER B 28 -10.81 -1.80 -17.92
CA SER B 28 -11.52 -0.53 -17.94
C SER B 28 -11.72 0.00 -19.36
N ILE B 30 -11.90 -1.89 -22.07
CA ILE B 30 -12.85 -2.79 -22.69
C ILE B 30 -14.29 -2.49 -22.27
N LEU B 31 -14.54 -2.47 -20.97
CA LEU B 31 -15.89 -2.23 -20.43
C LEU B 31 -16.42 -0.80 -20.50
N GLY B 32 -15.52 0.18 -20.50
CA GLY B 32 -15.96 1.56 -20.55
C GLY B 32 -16.27 2.16 -19.19
N ARG B 33 -16.08 1.38 -18.12
CA ARG B 33 -16.33 1.84 -16.76
C ARG B 33 -15.01 1.71 -16.01
N ASP B 34 -14.81 2.52 -14.97
CA ASP B 34 -13.59 2.44 -14.18
C ASP B 34 -13.63 1.23 -13.26
N ILE B 35 -12.53 0.49 -13.24
CA ILE B 35 -12.41 -0.72 -12.42
C ILE B 35 -11.23 -0.65 -11.46
N HIS B 36 -11.43 -1.16 -10.25
CA HIS B 36 -10.38 -1.20 -9.25
C HIS B 36 -10.37 -2.59 -8.64
N ILE B 37 -9.18 -3.19 -8.57
CA ILE B 37 -9.02 -4.52 -8.02
C ILE B 37 -8.00 -4.50 -6.88
N THR B 38 -8.39 -5.06 -5.74
CA THR B 38 -7.53 -5.16 -4.56
C THR B 38 -7.47 -6.62 -4.11
N VAL B 39 -6.54 -6.93 -3.21
CA VAL B 39 -6.39 -8.28 -2.69
C VAL B 39 -6.66 -8.28 -1.19
N PRO B 40 -7.89 -8.66 -0.80
CA PRO B 40 -8.26 -8.70 0.63
C PRO B 40 -7.62 -9.83 1.40
N THR B 41 -7.52 -11.02 0.79
CA THR B 41 -6.98 -12.16 1.52
C THR B 41 -6.23 -13.20 0.70
N VAL B 42 -5.33 -13.90 1.37
CA VAL B 42 -4.55 -14.99 0.80
C VAL B 42 -4.64 -16.12 1.82
N ARG B 43 -5.15 -17.27 1.40
CA ARG B 43 -5.26 -18.41 2.31
C ARG B 43 -4.54 -19.61 1.69
N GLU B 44 -3.90 -20.41 2.52
CA GLU B 44 -3.19 -21.58 2.03
C GLU B 44 -4.08 -22.80 2.21
N GLU B 45 -3.88 -23.80 1.37
CA GLU B 45 -4.68 -25.02 1.44
C GLU B 45 -4.12 -26.18 0.61
N LYS B 46 -4.46 -27.40 1.03
CA LYS B 46 -4.02 -28.60 0.32
C LYS B 46 -4.80 -28.75 -0.99
N LYS B 48 -6.09 -31.29 -2.48
CA LYS B 48 -7.25 -32.16 -2.33
C LYS B 48 -8.44 -31.47 -1.63
N ASN B 49 -8.20 -30.31 -1.05
CA ASN B 49 -9.25 -29.58 -0.35
C ASN B 49 -9.77 -28.28 -1.00
N VAL B 50 -8.98 -27.66 -1.88
CA VAL B 50 -9.37 -26.40 -2.52
C VAL B 50 -10.74 -26.38 -3.19
N LYS B 51 -11.15 -27.51 -3.77
CA LYS B 51 -12.43 -27.60 -4.44
C LYS B 51 -13.60 -27.20 -3.54
N SER B 52 -13.51 -27.50 -2.25
CA SER B 52 -14.60 -27.18 -1.34
C SER B 52 -14.73 -25.71 -0.93
N ASP B 53 -13.83 -24.86 -1.41
CA ASP B 53 -13.91 -23.43 -1.12
C ASP B 53 -14.95 -22.78 -2.01
N PHE B 54 -15.39 -23.51 -3.03
CA PHE B 54 -16.38 -22.98 -3.96
C PHE B 54 -17.60 -23.88 -4.02
N SER B 55 -18.75 -23.28 -4.27
CA SER B 55 -19.97 -24.07 -4.38
C SER B 55 -20.78 -23.63 -5.59
N GLY B 56 -21.69 -24.50 -6.02
CA GLY B 56 -22.50 -24.20 -7.16
C GLY B 56 -21.78 -24.40 -8.47
N GLU B 57 -22.44 -23.98 -9.53
CA GLU B 57 -21.93 -24.09 -10.88
C GLU B 57 -21.24 -22.74 -11.15
N GLN B 58 -19.93 -22.77 -11.41
CA GLN B 58 -19.26 -21.52 -11.73
C GLN B 58 -18.17 -21.57 -12.80
N VAL B 59 -17.72 -20.39 -13.23
CA VAL B 59 -16.73 -20.28 -14.28
C VAL B 59 -15.28 -20.36 -13.84
N VAL B 60 -14.57 -21.31 -14.44
CA VAL B 60 -13.17 -21.56 -14.16
C VAL B 60 -12.35 -21.22 -15.40
N VAL B 61 -11.34 -20.38 -15.20
CA VAL B 61 -10.48 -19.94 -16.29
C VAL B 61 -9.07 -20.46 -16.00
N SER B 62 -8.61 -21.38 -16.85
CA SER B 62 -7.30 -21.98 -16.73
C SER B 62 -6.32 -21.41 -17.74
N VAL B 63 -5.20 -20.90 -17.23
CA VAL B 63 -4.16 -20.33 -18.06
C VAL B 63 -2.80 -20.85 -17.56
N GLU B 64 -1.99 -21.33 -18.51
CA GLU B 64 -0.66 -21.86 -18.20
C GLU B 64 0.41 -20.84 -18.54
N TYR B 65 1.46 -20.78 -17.74
CA TYR B 65 2.57 -19.89 -18.04
C TYR B 65 3.37 -20.58 -19.13
N THR B 66 3.78 -19.80 -20.13
CA THR B 66 4.54 -20.36 -21.25
C THR B 66 6.01 -19.91 -21.27
N GLU B 67 6.35 -18.93 -20.44
CA GLU B 67 7.71 -18.43 -20.37
C GLU B 67 7.97 -17.77 -19.04
N GLY B 68 9.20 -17.91 -18.54
CA GLY B 68 9.57 -17.31 -17.26
C GLY B 68 9.20 -18.21 -16.10
N LEU B 69 7.89 -18.39 -15.90
CA LEU B 69 7.38 -19.24 -14.83
C LEU B 69 6.77 -20.49 -15.44
N GLU B 70 6.52 -21.49 -14.57
CA GLU B 70 5.90 -22.74 -14.99
C GLU B 70 4.73 -23.03 -14.06
N GLY B 71 3.64 -23.55 -14.62
CA GLY B 71 2.48 -23.86 -13.81
C GLY B 71 1.13 -23.41 -14.33
N LEU B 72 0.11 -24.04 -13.78
CA LEU B 72 -1.27 -23.77 -14.11
C LEU B 72 -1.79 -22.68 -13.16
N ASN B 73 -2.46 -21.67 -13.73
CA ASN B 73 -3.04 -20.56 -12.98
C ASN B 73 -4.55 -20.63 -13.19
N VAL B 74 -5.32 -20.68 -12.09
CA VAL B 74 -6.78 -20.79 -12.22
C VAL B 74 -7.60 -19.68 -11.56
N LEU B 75 -8.55 -19.13 -12.33
CA LEU B 75 -9.44 -18.10 -11.81
C LEU B 75 -10.85 -18.68 -11.64
N VAL B 76 -11.49 -18.38 -10.51
CA VAL B 76 -12.83 -18.88 -10.25
C VAL B 76 -13.76 -17.67 -10.12
N LEU B 77 -14.68 -17.55 -11.07
CA LEU B 77 -15.61 -16.43 -11.08
C LEU B 77 -17.04 -16.96 -11.05
N ASP B 78 -17.94 -16.27 -10.33
CA ASP B 78 -19.31 -16.75 -10.31
C ASP B 78 -20.09 -16.32 -11.56
N LYS B 79 -21.15 -17.05 -11.86
CA LYS B 79 -21.99 -16.77 -13.02
C LYS B 79 -22.46 -15.32 -13.09
N LYS B 80 -22.83 -14.73 -11.95
CA LYS B 80 -23.30 -13.35 -11.95
C LYS B 80 -22.24 -12.38 -12.45
N LEU B 81 -21.03 -12.49 -11.91
CA LEU B 81 -19.93 -11.62 -12.30
C LEU B 81 -19.67 -11.71 -13.82
N VAL B 82 -19.61 -12.94 -14.32
CA VAL B 82 -19.38 -13.18 -15.74
C VAL B 82 -20.53 -12.62 -16.58
N ALA B 83 -21.75 -12.74 -16.07
CA ALA B 83 -22.89 -12.22 -16.79
C ALA B 83 -22.87 -10.70 -16.89
N VAL B 84 -22.44 -10.00 -15.83
CA VAL B 84 -22.41 -8.54 -15.89
C VAL B 84 -21.27 -8.03 -16.77
N ILE B 85 -20.11 -8.69 -16.71
CA ILE B 85 -18.97 -8.29 -17.53
C ILE B 85 -19.35 -8.48 -19.00
N ALA B 86 -20.07 -9.57 -19.29
CA ALA B 86 -20.51 -9.85 -20.65
C ALA B 86 -21.52 -8.79 -21.09
N ASP B 87 -22.39 -8.38 -20.17
CA ASP B 87 -23.39 -7.37 -20.48
C ASP B 87 -22.73 -6.02 -20.77
N LEU B 88 -21.72 -5.68 -19.96
CA LEU B 88 -21.01 -4.42 -20.13
C LEU B 88 -20.34 -4.37 -21.50
N GLY B 91 -22.41 -3.59 -24.60
CA GLY B 91 -23.07 -2.31 -24.50
C GLY B 91 -24.21 -2.17 -23.51
N GLY B 92 -24.36 -3.14 -22.60
CA GLY B 92 -25.43 -3.08 -21.60
C GLY B 92 -25.04 -2.30 -20.35
N SER B 93 -25.99 -2.16 -19.42
CA SER B 93 -25.76 -1.42 -18.17
C SER B 93 -25.05 -2.23 -17.08
N GLY B 94 -24.93 -3.54 -17.27
CA GLY B 94 -24.28 -4.39 -16.29
C GLY B 94 -25.21 -4.79 -15.15
N GLU B 95 -26.43 -4.27 -15.17
CA GLU B 95 -27.43 -4.58 -14.15
C GLU B 95 -28.33 -5.68 -14.71
N VAL B 96 -27.80 -6.89 -14.75
CA VAL B 96 -28.51 -8.07 -15.25
C VAL B 96 -29.48 -8.69 -14.25
N GLU B 97 -30.60 -9.19 -14.77
CA GLU B 97 -31.62 -9.84 -13.94
C GLU B 97 -31.53 -11.36 -13.98
N THR B 98 -30.64 -11.88 -14.83
CA THR B 98 -30.44 -13.32 -14.97
C THR B 98 -28.96 -13.65 -15.00
N GLU B 99 -28.58 -14.73 -14.34
CA GLU B 99 -27.18 -15.13 -14.34
C GLU B 99 -26.95 -16.32 -15.29
N GLU B 100 -27.85 -16.46 -16.26
CA GLU B 100 -27.73 -17.53 -17.24
C GLU B 100 -26.66 -17.15 -18.26
N LEU B 101 -25.79 -18.11 -18.56
CA LEU B 101 -24.70 -17.91 -19.49
C LEU B 101 -24.79 -18.85 -20.69
N ASP B 102 -24.09 -18.47 -21.76
CA ASP B 102 -24.04 -19.25 -22.98
C ASP B 102 -22.64 -19.11 -23.56
N GLU B 103 -22.36 -19.81 -24.66
CA GLU B 103 -21.05 -19.76 -25.26
C GLU B 103 -20.58 -18.39 -25.75
N ILE B 104 -21.52 -17.54 -26.19
CA ILE B 104 -21.12 -16.22 -26.66
C ILE B 104 -20.67 -15.33 -25.50
N LYS B 105 -21.32 -15.46 -24.35
CA LYS B 105 -20.95 -14.67 -23.18
C LYS B 105 -19.63 -15.19 -22.61
N LEU B 106 -19.45 -16.51 -22.73
CA LEU B 106 -18.25 -17.18 -22.27
C LEU B 106 -17.06 -16.81 -23.16
N SER B 107 -17.31 -16.67 -24.46
CA SER B 107 -16.25 -16.29 -25.40
C SER B 107 -15.93 -14.82 -25.20
N ALA B 108 -16.94 -14.03 -24.90
CA ALA B 108 -16.76 -12.60 -24.67
C ALA B 108 -15.86 -12.36 -23.46
N VAL B 109 -16.25 -12.90 -22.31
CA VAL B 109 -15.47 -12.72 -21.09
C VAL B 109 -14.11 -13.38 -21.24
N GLY B 110 -14.08 -14.48 -22.00
CA GLY B 110 -12.84 -15.20 -22.24
C GLY B 110 -11.78 -14.31 -22.85
N GLU B 111 -12.15 -13.53 -23.86
CA GLU B 111 -11.21 -12.63 -24.51
C GLU B 111 -10.84 -11.45 -23.60
N ALA B 112 -11.74 -11.09 -22.70
CA ALA B 112 -11.47 -10.01 -21.75
C ALA B 112 -10.41 -10.49 -20.74
N ASN B 114 -8.19 -12.84 -21.22
CA ASN B 114 -6.94 -12.98 -21.95
C ASN B 114 -6.26 -11.60 -22.05
N GLN B 115 -7.08 -10.59 -22.30
CA GLN B 115 -6.63 -9.21 -22.43
C GLN B 115 -6.02 -8.70 -21.13
N GLY B 118 -3.02 -10.84 -19.72
CA GLY B 118 -1.83 -10.64 -20.55
C GLY B 118 -1.14 -9.37 -20.09
N SER B 119 -1.95 -8.40 -19.71
CA SER B 119 -1.47 -7.12 -19.21
C SER B 119 -0.79 -7.33 -17.84
N ALA B 120 -1.38 -8.20 -17.02
CA ALA B 120 -0.85 -8.53 -15.70
C ALA B 120 0.46 -9.33 -15.78
N ALA B 121 0.66 -10.07 -16.88
CA ALA B 121 1.88 -10.85 -17.09
C ALA B 121 3.03 -9.89 -17.38
N THR B 122 2.72 -8.86 -18.18
CA THR B 122 3.68 -7.83 -18.54
C THR B 122 4.15 -7.13 -17.28
N SER B 123 3.21 -6.87 -16.38
CA SER B 123 3.51 -6.21 -15.11
C SER B 123 4.34 -7.12 -14.20
N LEU B 124 3.98 -8.41 -14.17
CA LEU B 124 4.69 -9.38 -13.34
C LEU B 124 6.14 -9.54 -13.80
N SER B 125 6.35 -9.37 -15.10
CA SER B 125 7.68 -9.49 -15.71
C SER B 125 8.63 -8.45 -15.12
N GLU B 126 8.20 -7.19 -15.12
CA GLU B 126 8.98 -6.09 -14.60
C GLU B 126 9.31 -6.28 -13.13
N LEU B 127 8.36 -6.84 -12.37
CA LEU B 127 8.53 -7.08 -10.95
C LEU B 127 9.46 -8.24 -10.59
N LEU B 128 9.45 -9.27 -11.42
CA LEU B 128 10.27 -10.46 -11.19
C LEU B 128 11.57 -10.48 -11.98
N GLY B 129 11.73 -9.51 -12.90
CA GLY B 129 12.94 -9.42 -13.70
C GLY B 129 13.12 -10.42 -14.83
N ILE B 130 12.07 -11.16 -15.16
CA ILE B 130 12.13 -12.16 -16.23
C ILE B 130 10.95 -11.97 -17.17
N THR B 131 11.09 -12.44 -18.40
CA THR B 131 10.02 -12.34 -19.39
C THR B 131 9.01 -13.44 -19.10
N ILE B 132 7.81 -13.02 -18.71
CA ILE B 132 6.75 -13.96 -18.38
C ILE B 132 5.64 -13.90 -19.43
N ASN B 133 5.20 -15.06 -19.89
CA ASN B 133 4.14 -15.15 -20.89
C ASN B 133 3.08 -16.19 -20.52
N ILE B 134 1.89 -16.03 -21.09
CA ILE B 134 0.80 -16.95 -20.82
C ILE B 134 0.12 -17.48 -22.08
N SER B 135 -0.53 -18.62 -21.94
CA SER B 135 -1.26 -19.25 -23.02
C SER B 135 -2.67 -18.68 -23.07
N PRO B 136 -3.39 -18.92 -24.17
CA PRO B 136 -4.76 -18.40 -24.22
C PRO B 136 -5.56 -19.11 -23.11
N PRO B 137 -6.60 -18.47 -22.57
CA PRO B 137 -7.39 -19.08 -21.50
C PRO B 137 -8.33 -20.23 -21.88
N LYS B 138 -8.47 -21.17 -20.96
CA LYS B 138 -9.35 -22.30 -21.13
C LYS B 138 -10.54 -21.97 -20.23
N VAL B 139 -11.69 -21.67 -20.84
CA VAL B 139 -12.88 -21.34 -20.07
C VAL B 139 -13.77 -22.57 -19.93
N GLU B 140 -14.40 -22.71 -18.77
CA GLU B 140 -15.26 -23.86 -18.50
C GLU B 140 -16.17 -23.60 -17.32
N ILE B 141 -17.38 -24.15 -17.39
CA ILE B 141 -18.32 -24.02 -16.28
C ILE B 141 -18.18 -25.35 -15.55
N LEU B 142 -17.94 -25.28 -14.24
CA LEU B 142 -17.77 -26.49 -13.43
C LEU B 142 -18.74 -26.51 -12.26
N ASN B 143 -19.50 -27.60 -12.12
CA ASN B 143 -20.44 -27.72 -11.01
C ASN B 143 -19.70 -28.26 -9.80
N PHE B 144 -19.40 -27.34 -8.87
CA PHE B 144 -18.68 -27.69 -7.66
C PHE B 144 -19.51 -28.53 -6.70
N ASP B 145 -20.82 -28.60 -6.93
CA ASP B 145 -21.74 -29.36 -6.10
C ASP B 145 -21.87 -30.82 -6.53
N ASP B 146 -21.30 -31.12 -7.70
CA ASP B 146 -21.30 -32.47 -8.25
C ASP B 146 -20.03 -33.10 -7.64
N PRO B 147 -20.21 -34.06 -6.71
CA PRO B 147 -19.06 -34.71 -6.06
C PRO B 147 -18.02 -35.35 -6.98
N ASN B 148 -18.37 -35.63 -8.24
CA ASN B 148 -17.43 -36.24 -9.17
C ASN B 148 -16.57 -35.26 -9.98
N THR B 149 -16.82 -33.96 -9.83
CA THR B 149 -16.03 -32.97 -10.55
C THR B 149 -14.68 -32.79 -9.85
N GLN B 150 -13.67 -32.40 -10.61
CA GLN B 150 -12.34 -32.21 -10.04
C GLN B 150 -11.81 -30.83 -10.34
N PHE B 151 -11.12 -30.24 -9.37
CA PHE B 151 -10.56 -28.92 -9.57
C PHE B 151 -9.33 -29.08 -10.47
N PRO B 152 -9.08 -28.12 -11.38
CA PRO B 152 -7.92 -28.20 -12.28
C PRO B 152 -6.64 -28.50 -11.50
N PRO B 153 -5.79 -29.39 -12.05
CA PRO B 153 -4.52 -29.81 -11.44
C PRO B 153 -3.46 -28.72 -11.29
N VAL B 154 -3.64 -27.86 -10.29
CA VAL B 154 -2.69 -26.81 -10.03
C VAL B 154 -1.43 -27.50 -9.51
N THR B 155 -1.64 -28.65 -8.87
CA THR B 155 -0.55 -29.47 -8.35
C THR B 155 -0.84 -30.92 -8.69
N ASP B 156 0.21 -31.64 -9.06
CA ASP B 156 0.13 -33.05 -9.41
C ASP B 156 -0.06 -33.90 -8.16
N ASN B 157 0.41 -33.39 -7.02
CA ASN B 157 0.32 -34.08 -5.75
C ASN B 157 -0.85 -33.55 -4.91
N PRO B 158 -1.80 -34.42 -4.54
CA PRO B 158 -2.97 -34.07 -3.73
C PRO B 158 -2.65 -33.57 -2.32
N GLU B 159 -1.46 -33.90 -1.83
CA GLU B 159 -1.07 -33.51 -0.48
C GLU B 159 -0.36 -32.16 -0.35
N LYS B 160 0.27 -31.67 -1.42
CA LYS B 160 0.95 -30.38 -1.30
C LYS B 160 0.01 -29.18 -1.35
N ASP B 161 0.55 -28.01 -1.00
CA ASP B 161 -0.27 -26.81 -0.92
C ASP B 161 -0.45 -25.88 -2.10
N VAL B 162 -1.50 -25.08 -1.97
CA VAL B 162 -1.92 -24.11 -2.95
C VAL B 162 -2.34 -22.81 -2.25
N ALA B 163 -2.19 -21.69 -2.95
CA ALA B 163 -2.59 -20.40 -2.39
C ALA B 163 -3.91 -19.99 -3.02
N VAL B 164 -4.88 -19.67 -2.19
CA VAL B 164 -6.18 -19.21 -2.66
C VAL B 164 -6.17 -17.70 -2.45
N VAL B 165 -6.07 -16.95 -3.54
CA VAL B 165 -6.03 -15.50 -3.47
C VAL B 165 -7.38 -14.86 -3.76
N GLU B 166 -7.86 -14.04 -2.83
CA GLU B 166 -9.12 -13.36 -3.00
C GLU B 166 -8.90 -11.99 -3.66
N PHE B 167 -9.80 -11.63 -4.55
CA PHE B 167 -9.73 -10.34 -5.24
C PHE B 167 -11.08 -9.64 -5.14
N GLU B 168 -11.03 -8.35 -4.85
CA GLU B 168 -12.27 -7.58 -4.79
C GLU B 168 -12.26 -6.72 -6.06
N GLU B 170 -14.17 -3.62 -7.91
CA GLU B 170 -15.10 -2.51 -7.87
C GLU B 170 -15.27 -2.02 -9.31
N ILE B 171 -16.52 -1.88 -9.73
CA ILE B 171 -16.85 -1.40 -11.07
C ILE B 171 -17.75 -0.20 -10.91
N GLU B 172 -17.39 0.91 -11.56
CA GLU B 172 -18.16 2.15 -11.48
C GLU B 172 -19.65 1.96 -11.73
N GLY B 173 -20.47 2.43 -10.79
CA GLY B 173 -21.91 2.34 -10.90
C GLY B 173 -22.52 1.01 -10.50
N LEU B 174 -21.68 0.00 -10.29
CA LEU B 174 -22.17 -1.32 -9.93
C LEU B 174 -21.69 -1.78 -8.55
N PRO B 175 -22.43 -2.70 -7.91
CA PRO B 175 -22.02 -3.20 -6.59
C PRO B 175 -20.81 -4.13 -6.64
N LYS B 176 -20.07 -4.19 -5.54
CA LYS B 176 -18.86 -5.02 -5.41
C LYS B 176 -18.99 -6.47 -5.84
N SER B 177 -17.87 -7.04 -6.27
CA SER B 177 -17.78 -8.44 -6.69
C SER B 177 -16.45 -8.99 -6.22
N LYS B 178 -16.38 -10.30 -6.03
CA LYS B 178 -15.14 -10.93 -5.62
C LYS B 178 -14.88 -12.17 -6.46
N PHE B 179 -13.63 -12.40 -6.82
CA PHE B 179 -13.26 -13.60 -7.57
C PHE B 179 -12.00 -14.20 -6.95
N TYR B 180 -11.61 -15.38 -7.39
CA TYR B 180 -10.47 -16.05 -6.82
C TYR B 180 -9.43 -16.54 -7.79
N GLN B 181 -8.20 -16.64 -7.30
CA GLN B 181 -7.10 -17.14 -8.08
C GLN B 181 -6.47 -18.26 -7.29
N VAL B 182 -6.20 -19.36 -7.97
CA VAL B 182 -5.58 -20.51 -7.34
C VAL B 182 -4.26 -20.83 -8.03
N ILE B 183 -3.19 -20.84 -7.23
CA ILE B 183 -1.82 -21.13 -7.69
C ILE B 183 -1.12 -22.04 -6.70
N SER B 184 -0.14 -22.80 -7.18
CA SER B 184 0.57 -23.72 -6.29
C SER B 184 1.54 -22.99 -5.36
N ALA B 185 1.76 -23.58 -4.18
CA ALA B 185 2.68 -23.03 -3.20
C ALA B 185 4.08 -22.99 -3.78
N ASP B 186 4.44 -24.00 -4.57
CA ASP B 186 5.75 -24.08 -5.21
C ASP B 186 5.99 -22.85 -6.08
N LEU B 187 4.97 -22.50 -6.86
CA LEU B 187 5.02 -21.36 -7.75
C LEU B 187 5.20 -20.06 -6.97
N VAL B 188 4.51 -19.95 -5.84
CA VAL B 188 4.60 -18.76 -5.00
C VAL B 188 6.02 -18.62 -4.45
N LYS B 189 6.60 -19.75 -4.07
CA LYS B 189 7.96 -19.78 -3.53
C LYS B 189 8.99 -19.39 -4.59
N LYS B 190 8.74 -19.84 -5.83
CA LYS B 190 9.61 -19.56 -6.96
C LYS B 190 9.53 -18.08 -7.31
N TYR B 192 8.72 -15.63 -5.35
CA TYR B 192 9.34 -14.88 -4.25
C TYR B 192 10.86 -14.82 -4.36
N GLU B 193 11.47 -15.86 -4.92
CA GLU B 193 12.91 -15.90 -5.11
C GLU B 193 13.34 -14.87 -6.15
N TYR B 194 12.64 -14.85 -7.29
CA TYR B 194 12.93 -13.90 -8.36
C TYR B 194 12.65 -12.48 -7.86
N PHE B 195 11.57 -12.36 -7.10
CA PHE B 195 11.14 -11.07 -6.55
C PHE B 195 12.18 -10.43 -5.64
N THR B 196 12.70 -11.19 -4.69
CA THR B 196 13.69 -10.65 -3.77
C THR B 196 15.03 -10.35 -4.45
N LYS B 197 15.32 -11.10 -5.51
CA LYS B 197 16.55 -10.90 -6.27
C LYS B 197 16.46 -9.56 -7.02
N LYS B 198 15.28 -9.28 -7.56
CA LYS B 198 15.02 -8.04 -8.30
C LYS B 198 14.92 -6.85 -7.36
N GLN B 199 14.01 -6.96 -6.38
CA GLN B 199 13.81 -5.91 -5.39
C GLN B 199 14.91 -5.91 -4.32
#